data_5I5O
#
_entry.id   5I5O
#
_cell.length_a   37.037
_cell.length_b   73.298
_cell.length_c   94.215
_cell.angle_alpha   90.00
_cell.angle_beta   90.00
_cell.angle_gamma   90.00
#
_symmetry.space_group_name_H-M   'P 21 21 21'
#
loop_
_entity.id
_entity.type
_entity.pdbx_description
1 polymer 'Matrix protein'
2 water water
#
_entity_poly.entity_id   1
_entity_poly.type   'polypeptide(L)'
_entity_poly.pdbx_seq_one_letter_code
;GPLGSSNLPVRSFSEVCCAEARAAIIQMENNPDETVCNRIWKIHRDLQSSDLTTTVQVMMVYRFISKRVPEGCFAILSGV
NTGMYNPRELKRSYVQSLSSGTSCEFLRSLDKLAKNLLAVHVCSDVKMSLNKRQVIDFISGEEDPTLHTAEHLT
;
_entity_poly.pdbx_strand_id   A,B
#
# COMPACT_ATOMS: atom_id res chain seq x y z
N ARG A 11 -0.39 18.08 -25.42
CA ARG A 11 -0.47 16.63 -25.47
C ARG A 11 -1.63 16.09 -24.64
N SER A 12 -1.51 14.81 -24.28
CA SER A 12 -2.44 14.11 -23.40
C SER A 12 -1.68 12.97 -22.69
N PHE A 13 -2.17 12.55 -21.53
CA PHE A 13 -1.44 11.67 -20.62
C PHE A 13 -1.12 10.32 -21.23
N SER A 14 -2.06 9.80 -22.01
CA SER A 14 -1.97 8.49 -22.65
C SER A 14 -0.84 8.38 -23.64
N GLU A 15 -0.36 9.54 -24.09
CA GLU A 15 0.63 9.57 -25.14
C GLU A 15 2.02 9.28 -24.62
N VAL A 16 2.26 9.60 -23.36
CA VAL A 16 3.61 9.56 -22.86
C VAL A 16 3.76 8.64 -21.63
N CYS A 17 2.65 8.11 -21.12
CA CYS A 17 2.71 7.22 -19.96
C CYS A 17 3.35 5.90 -20.34
N CYS A 18 3.43 4.96 -19.39
CA CYS A 18 4.00 3.66 -19.67
C CYS A 18 2.87 2.73 -20.10
N ALA A 19 3.25 1.61 -20.73
CA ALA A 19 2.27 0.78 -21.41
C ALA A 19 1.28 0.15 -20.44
N GLU A 20 1.73 -0.14 -19.23
CA GLU A 20 0.89 -0.86 -18.27
C GLU A 20 -0.15 0.06 -17.66
N ALA A 21 0.10 1.35 -17.72
CA ALA A 21 -0.85 2.28 -17.14
C ALA A 21 -1.81 2.80 -18.20
N ARG A 22 -1.46 2.58 -19.45
CA ARG A 22 -2.13 3.28 -20.56
C ARG A 22 -3.65 3.11 -20.53
N ALA A 23 -4.12 1.88 -20.43
CA ALA A 23 -5.56 1.64 -20.46
C ALA A 23 -6.27 2.29 -19.28
N ALA A 24 -5.68 2.23 -18.09
CA ALA A 24 -6.27 2.85 -16.91
C ALA A 24 -6.34 4.35 -17.04
N ILE A 25 -5.29 4.93 -17.61
CA ILE A 25 -5.21 6.38 -17.83
C ILE A 25 -6.18 6.86 -18.92
N ILE A 26 -6.26 6.11 -20.02
CA ILE A 26 -7.18 6.38 -21.13
C ILE A 26 -8.62 6.37 -20.66
N GLN A 27 -8.96 5.46 -19.75
CA GLN A 27 -10.32 5.39 -19.26
C GLN A 27 -10.63 6.57 -18.34
N MET A 28 -9.63 7.05 -17.61
CA MET A 28 -9.86 8.19 -16.71
C MET A 28 -9.96 9.51 -17.48
N GLU A 29 -9.03 9.78 -18.39
CA GLU A 29 -9.10 10.96 -19.27
C GLU A 29 -10.46 11.11 -19.89
N ASN A 30 -10.99 9.98 -20.36
CA ASN A 30 -12.20 9.93 -21.15
C ASN A 30 -13.46 9.86 -20.30
N ASN A 31 -13.29 9.76 -19.00
CA ASN A 31 -14.39 9.62 -18.09
C ASN A 31 -14.06 10.15 -16.74
N PRO A 32 -13.96 11.43 -16.58
CA PRO A 32 -13.52 11.96 -15.28
C PRO A 32 -14.57 11.86 -14.16
N ASP A 33 -15.57 10.99 -14.30
CA ASP A 33 -16.46 10.70 -13.20
C ASP A 33 -15.69 10.18 -12.00
N GLU A 34 -15.78 10.91 -10.90
CA GLU A 34 -15.13 10.58 -9.63
C GLU A 34 -15.27 9.12 -9.22
N THR A 35 -16.49 8.59 -9.25
CA THR A 35 -16.74 7.20 -8.89
C THR A 35 -15.92 6.22 -9.71
N VAL A 36 -15.89 6.43 -11.03
CA VAL A 36 -15.24 5.48 -11.91
C VAL A 36 -13.73 5.58 -11.75
N CYS A 37 -13.23 6.80 -11.64
CA CYS A 37 -11.81 7.01 -11.48
C CYS A 37 -11.30 6.41 -10.16
N ASN A 38 -12.11 6.48 -9.13
CA ASN A 38 -11.81 5.85 -7.86
C ASN A 38 -11.64 4.37 -7.97
N ARG A 39 -12.58 3.71 -8.65
CA ARG A 39 -12.51 2.27 -8.89
C ARG A 39 -11.23 1.91 -9.63
N ILE A 40 -10.86 2.77 -10.56
CA ILE A 40 -9.67 2.53 -11.34
C ILE A 40 -8.43 2.69 -10.46
N TRP A 41 -8.43 3.69 -9.59
CA TRP A 41 -7.31 3.86 -8.66
C TRP A 41 -7.18 2.71 -7.67
N LYS A 42 -8.27 2.33 -7.00
CA LYS A 42 -8.22 1.26 -6.00
C LYS A 42 -7.74 -0.05 -6.62
N ILE A 43 -8.23 -0.34 -7.82
CA ILE A 43 -7.89 -1.55 -8.53
C ILE A 43 -6.39 -1.58 -8.84
N HIS A 44 -5.85 -0.49 -9.33
CA HIS A 44 -4.41 -0.48 -9.60
C HIS A 44 -3.59 -0.38 -8.32
N ARG A 45 -4.16 0.22 -7.28
CA ARG A 45 -3.49 0.36 -6.00
C ARG A 45 -3.26 -1.03 -5.39
N ASP A 46 -4.24 -1.89 -5.60
CA ASP A 46 -4.33 -3.17 -4.95
C ASP A 46 -3.93 -4.29 -5.90
N LEU A 47 -3.30 -3.91 -7.01
CA LEU A 47 -3.08 -4.83 -8.12
C LEU A 47 -2.21 -5.95 -7.55
N GLN A 48 -2.47 -7.16 -8.04
CA GLN A 48 -1.72 -8.39 -7.83
C GLN A 48 -0.24 -8.56 -7.70
N SER A 49 0.51 -7.92 -8.57
CA SER A 49 1.99 -7.97 -8.52
C SER A 49 2.65 -6.77 -9.19
N SER A 50 1.86 -5.72 -9.38
CA SER A 50 2.24 -4.67 -10.31
C SER A 50 3.53 -3.97 -9.89
N ASP A 51 4.18 -3.28 -10.83
CA ASP A 51 5.36 -2.53 -10.48
C ASP A 51 4.89 -1.20 -9.97
N LEU A 52 5.75 -0.57 -9.19
CA LEU A 52 5.38 0.61 -8.44
C LEU A 52 5.14 1.84 -9.33
N THR A 53 6.04 2.06 -10.27
CA THR A 53 5.94 3.14 -11.23
C THR A 53 4.62 3.12 -12.01
N THR A 54 4.10 1.93 -12.32
CA THR A 54 2.81 1.87 -13.02
C THR A 54 1.70 2.46 -12.15
N THR A 55 1.64 1.98 -10.92
CA THR A 55 0.71 2.43 -9.88
C THR A 55 0.79 3.94 -9.68
N VAL A 56 2.01 4.42 -9.58
CA VAL A 56 2.26 5.82 -9.37
C VAL A 56 1.75 6.67 -10.55
N GLN A 57 1.89 6.19 -11.78
CA GLN A 57 1.40 6.97 -12.92
C GLN A 57 -0.13 7.08 -12.90
N VAL A 58 -0.79 5.95 -12.75
CA VAL A 58 -2.23 5.92 -12.53
C VAL A 58 -2.66 6.87 -11.39
N MET A 59 -1.89 6.86 -10.31
CA MET A 59 -2.16 7.67 -9.11
C MET A 59 -2.10 9.16 -9.39
N MET A 60 -1.03 9.57 -10.07
CA MET A 60 -0.85 10.93 -10.52
C MET A 60 -1.98 11.41 -11.41
N VAL A 61 -2.31 10.63 -12.43
CA VAL A 61 -3.41 10.99 -13.33
C VAL A 61 -4.75 11.05 -12.59
N TYR A 62 -4.99 10.11 -11.67
CA TYR A 62 -6.21 10.13 -10.86
C TYR A 62 -6.30 11.42 -10.07
N ARG A 63 -5.20 11.72 -9.39
CA ARG A 63 -5.05 12.93 -8.63
C ARG A 63 -5.44 14.17 -9.45
N PHE A 64 -4.81 14.32 -10.61
CA PHE A 64 -5.08 15.44 -11.50
C PHE A 64 -6.54 15.53 -11.93
N ILE A 65 -7.12 14.41 -12.33
CA ILE A 65 -8.48 14.41 -12.87
C ILE A 65 -9.59 14.55 -11.81
N SER A 66 -9.43 13.87 -10.68
CA SER A 66 -10.46 13.87 -9.64
C SER A 66 -10.31 15.04 -8.67
N LYS A 67 -9.10 15.60 -8.65
CA LYS A 67 -8.68 16.66 -7.72
C LYS A 67 -8.68 16.16 -6.27
N ARG A 68 -8.72 14.85 -6.06
CA ARG A 68 -8.71 14.28 -4.74
C ARG A 68 -7.38 13.66 -4.45
N VAL A 69 -7.07 13.53 -3.17
CA VAL A 69 -5.97 12.73 -2.69
C VAL A 69 -6.37 11.29 -2.89
N PRO A 70 -5.55 10.54 -3.61
CA PRO A 70 -5.86 9.12 -3.79
C PRO A 70 -5.76 8.31 -2.48
N GLU A 71 -6.88 7.76 -2.02
CA GLU A 71 -6.94 6.96 -0.80
C GLU A 71 -5.93 5.80 -0.80
N GLY A 72 -5.15 5.75 0.27
CA GLY A 72 -4.18 4.70 0.47
C GLY A 72 -2.87 4.88 -0.29
N CYS A 73 -2.59 6.09 -0.78
CA CYS A 73 -1.46 6.23 -1.70
C CYS A 73 -0.15 6.01 -0.95
N PHE A 74 -0.08 6.37 0.32
CA PHE A 74 1.13 6.07 1.08
C PHE A 74 1.32 4.57 1.33
N ALA A 75 0.20 3.84 1.44
CA ALA A 75 0.23 2.38 1.64
C ALA A 75 1.15 1.64 0.68
N ILE A 76 1.22 2.11 -0.57
CA ILE A 76 1.96 1.39 -1.63
C ILE A 76 3.48 1.45 -1.43
N LEU A 77 3.93 2.20 -0.45
CA LEU A 77 5.36 2.30 -0.17
C LEU A 77 5.78 1.44 1.01
N SER A 78 4.83 0.76 1.63
CA SER A 78 5.10 0.02 2.86
C SER A 78 5.99 -1.19 2.63
N GLY A 79 5.93 -1.77 1.45
CA GLY A 79 6.79 -2.89 1.14
C GLY A 79 8.20 -2.46 0.85
N VAL A 80 8.52 -1.21 1.12
CA VAL A 80 9.77 -0.63 0.63
C VAL A 80 10.48 0.30 1.60
N ASN A 81 11.81 0.19 1.66
CA ASN A 81 12.64 1.06 2.48
C ASN A 81 12.87 2.40 1.82
N THR A 82 12.17 3.39 2.33
CA THR A 82 12.29 4.75 1.86
C THR A 82 13.15 5.54 2.85
N GLY A 83 13.62 4.87 3.90
CA GLY A 83 14.22 5.55 5.05
C GLY A 83 15.45 6.36 4.73
N MET A 84 16.12 5.93 3.67
CA MET A 84 17.22 6.66 3.06
C MET A 84 16.76 7.93 2.34
N TYR A 85 15.46 8.18 2.33
CA TYR A 85 14.99 9.35 1.62
C TYR A 85 14.34 10.35 2.55
N ASN A 86 14.62 11.62 2.25
CA ASN A 86 14.04 12.76 2.95
C ASN A 86 12.98 13.38 2.09
N PRO A 87 11.70 13.04 2.36
CA PRO A 87 10.55 13.54 1.61
C PRO A 87 10.53 15.07 1.54
N ARG A 88 10.79 15.74 2.66
CA ARG A 88 10.80 17.19 2.69
C ARG A 88 11.84 17.76 1.74
N GLU A 89 13.05 17.21 1.78
CA GLU A 89 14.10 17.69 0.88
C GLU A 89 13.83 17.31 -0.57
N LEU A 90 13.17 16.18 -0.77
CA LEU A 90 12.77 15.77 -2.10
C LEU A 90 11.78 16.79 -2.67
N LYS A 91 10.78 17.17 -1.86
CA LYS A 91 9.79 18.15 -2.29
C LYS A 91 10.41 19.52 -2.55
N ARG A 92 11.28 19.95 -1.64
CA ARG A 92 11.99 21.21 -1.78
C ARG A 92 12.83 21.26 -3.07
N SER A 93 13.60 20.21 -3.32
CA SER A 93 14.42 20.16 -4.54
C SER A 93 13.56 20.15 -5.78
N TYR A 94 12.41 19.48 -5.71
CA TYR A 94 11.49 19.43 -6.85
C TYR A 94 10.86 20.80 -7.16
N VAL A 95 10.34 21.48 -6.14
CA VAL A 95 9.76 22.82 -6.31
C VAL A 95 10.78 23.81 -6.88
N GLN A 96 11.97 23.85 -6.28
CA GLN A 96 13.09 24.62 -6.82
C GLN A 96 13.31 24.32 -8.29
N SER A 97 13.17 23.07 -8.70
CA SER A 97 13.40 22.73 -10.09
C SER A 97 12.32 23.34 -10.98
N LEU A 98 11.09 23.45 -10.47
CA LEU A 98 10.03 24.08 -11.25
C LEU A 98 10.26 25.60 -11.46
N SER A 99 10.86 26.26 -10.47
CA SER A 99 11.19 27.70 -10.55
C SER A 99 12.35 28.01 -11.50
N SER A 100 13.10 26.98 -11.88
CA SER A 100 14.24 27.14 -12.78
C SER A 100 14.03 26.47 -14.14
N GLY A 101 12.84 25.95 -14.37
CA GLY A 101 12.59 25.25 -15.62
C GLY A 101 13.48 24.02 -15.81
N THR A 102 13.85 23.38 -14.71
CA THR A 102 14.69 22.20 -14.75
C THR A 102 13.99 20.94 -14.27
N SER A 103 12.68 21.04 -14.05
CA SER A 103 11.94 19.95 -13.41
C SER A 103 12.22 18.61 -14.13
N CYS A 104 12.04 18.56 -15.45
CA CYS A 104 12.32 17.37 -16.25
C CYS A 104 13.72 16.75 -16.05
N GLU A 105 14.78 17.56 -16.13
CA GLU A 105 16.14 17.07 -15.87
C GLU A 105 16.30 16.56 -14.43
N PHE A 106 15.60 17.19 -13.49
CA PHE A 106 15.66 16.80 -12.10
C PHE A 106 15.02 15.43 -11.83
N LEU A 107 13.79 15.26 -12.34
CA LEU A 107 13.07 14.01 -12.18
C LEU A 107 13.82 12.85 -12.81
N ARG A 108 14.35 13.07 -14.00
CA ARG A 108 15.10 12.04 -14.70
C ARG A 108 16.36 11.67 -13.95
N SER A 109 16.90 12.60 -13.18
CA SER A 109 18.14 12.32 -12.46
C SER A 109 17.90 11.71 -11.07
N LEU A 110 16.64 11.49 -10.71
CA LEU A 110 16.30 10.78 -9.48
C LEU A 110 16.33 9.30 -9.75
N ASP A 111 16.57 8.50 -8.73
CA ASP A 111 16.45 7.07 -8.89
C ASP A 111 14.98 6.69 -8.84
N LYS A 112 14.65 5.54 -9.39
CA LYS A 112 13.26 5.12 -9.53
C LYS A 112 12.43 5.27 -8.25
N LEU A 113 12.96 4.80 -7.13
CA LEU A 113 12.22 4.87 -5.87
C LEU A 113 12.03 6.30 -5.38
N ALA A 114 13.09 7.09 -5.39
CA ALA A 114 12.97 8.47 -4.92
C ALA A 114 11.86 9.19 -5.69
N LYS A 115 11.82 8.98 -6.99
CA LYS A 115 10.84 9.67 -7.83
C LYS A 115 9.40 9.20 -7.61
N ASN A 116 9.23 7.93 -7.29
CA ASN A 116 7.91 7.41 -7.00
C ASN A 116 7.45 7.97 -5.67
N LEU A 117 8.38 7.99 -4.73
CA LEU A 117 8.15 8.53 -3.39
C LEU A 117 7.78 10.02 -3.45
N LEU A 118 8.52 10.79 -4.25
CA LEU A 118 8.19 12.20 -4.48
C LEU A 118 6.75 12.35 -4.95
N ALA A 119 6.40 11.59 -5.99
CA ALA A 119 5.05 11.55 -6.54
C ALA A 119 3.95 11.38 -5.49
N VAL A 120 4.06 10.32 -4.69
CA VAL A 120 3.11 10.05 -3.59
C VAL A 120 2.98 11.22 -2.59
N HIS A 121 4.10 11.80 -2.18
CA HIS A 121 4.04 12.96 -1.31
C HIS A 121 3.35 14.15 -2.00
N VAL A 122 3.70 14.41 -3.26
CA VAL A 122 3.09 15.52 -3.98
C VAL A 122 1.59 15.33 -4.17
N CYS A 123 1.18 14.14 -4.63
CA CYS A 123 -0.26 13.85 -4.78
C CYS A 123 -1.03 13.89 -3.47
N SER A 124 -0.32 13.77 -2.35
CA SER A 124 -0.98 13.72 -1.05
C SER A 124 -1.01 15.10 -0.44
N ASP A 125 -0.13 15.95 -0.92
CA ASP A 125 0.01 17.32 -0.45
C ASP A 125 -1.06 18.20 -1.04
N VAL A 126 -2.12 18.41 -0.28
CA VAL A 126 -3.22 19.30 -0.68
C VAL A 126 -2.76 20.75 -0.99
N LYS A 127 -1.59 21.15 -0.50
CA LYS A 127 -1.07 22.49 -0.79
C LYS A 127 -0.44 22.58 -2.18
N MET A 128 -0.04 21.44 -2.73
CA MET A 128 0.45 21.41 -4.10
C MET A 128 -0.57 20.82 -5.07
N SER A 129 -0.86 21.59 -6.10
CA SER A 129 -1.72 21.17 -7.20
C SER A 129 -0.89 21.15 -8.46
N LEU A 130 -0.57 19.96 -8.93
CA LEU A 130 0.15 19.88 -10.19
C LEU A 130 -0.77 20.29 -11.34
N ASN A 131 -0.23 21.07 -12.28
CA ASN A 131 -0.96 21.27 -13.52
C ASN A 131 -0.62 20.15 -14.49
N LYS A 132 -1.13 20.25 -15.72
CA LYS A 132 -1.04 19.16 -16.66
C LYS A 132 0.40 18.88 -17.08
N ARG A 133 1.15 19.94 -17.41
CA ARG A 133 2.55 19.78 -17.83
C ARG A 133 3.38 19.14 -16.76
N GLN A 134 3.10 19.54 -15.53
CA GLN A 134 3.77 18.96 -14.39
C GLN A 134 3.50 17.44 -14.35
N VAL A 135 2.24 17.06 -14.43
CA VAL A 135 1.86 15.65 -14.42
C VAL A 135 2.52 14.89 -15.59
N ILE A 136 2.56 15.52 -16.75
CA ILE A 136 3.14 14.90 -17.93
C ILE A 136 4.64 14.63 -17.79
N ASP A 137 5.39 15.62 -17.33
CA ASP A 137 6.82 15.42 -17.07
C ASP A 137 7.07 14.34 -16.03
N PHE A 138 6.11 14.19 -15.12
CA PHE A 138 6.20 13.22 -14.05
C PHE A 138 6.01 11.79 -14.53
N ILE A 139 5.09 11.58 -15.46
CA ILE A 139 4.75 10.21 -15.87
C ILE A 139 5.45 9.83 -17.17
N SER A 140 6.46 10.60 -17.53
CA SER A 140 7.16 10.45 -18.79
C SER A 140 8.41 9.60 -18.66
N ARG B 11 -2.96 -15.88 26.07
CA ARG B 11 -1.84 -15.01 25.78
C ARG B 11 -2.37 -13.77 25.05
N SER B 12 -1.78 -12.61 25.31
CA SER B 12 -2.17 -11.37 24.63
C SER B 12 -1.27 -11.13 23.45
N PHE B 13 -1.83 -10.61 22.37
CA PHE B 13 -1.13 -10.38 21.11
C PHE B 13 0.18 -9.66 21.32
N SER B 14 0.21 -8.82 22.33
CA SER B 14 1.33 -7.95 22.70
C SER B 14 2.56 -8.69 23.18
N GLU B 15 2.30 -9.86 23.73
CA GLU B 15 3.31 -10.74 24.25
C GLU B 15 4.15 -11.32 23.15
N VAL B 16 3.52 -11.71 22.05
CA VAL B 16 4.16 -12.52 21.04
C VAL B 16 4.60 -11.76 19.79
N CYS B 17 4.03 -10.57 19.61
CA CYS B 17 4.24 -9.78 18.40
C CYS B 17 5.66 -9.22 18.36
N CYS B 18 6.02 -8.63 17.22
CA CYS B 18 7.36 -8.07 17.08
C CYS B 18 7.42 -6.76 17.84
N ALA B 19 8.65 -6.29 18.06
CA ALA B 19 8.91 -5.15 18.93
C ALA B 19 8.20 -3.89 18.45
N GLU B 20 8.32 -3.64 17.17
CA GLU B 20 7.86 -2.42 16.54
C GLU B 20 6.37 -2.34 16.40
N ALA B 21 5.69 -3.45 16.56
CA ALA B 21 4.25 -3.45 16.39
C ALA B 21 3.53 -3.35 17.72
N ARG B 22 4.28 -3.47 18.81
CA ARG B 22 3.65 -3.67 20.10
C ARG B 22 2.83 -2.49 20.64
N ALA B 23 3.41 -1.30 20.67
CA ALA B 23 2.67 -0.15 21.21
C ALA B 23 1.30 -0.03 20.55
N ALA B 24 1.29 -0.16 19.24
CA ALA B 24 0.06 -0.18 18.47
C ALA B 24 -0.90 -1.29 18.86
N ILE B 25 -0.34 -2.46 19.15
CA ILE B 25 -1.15 -3.62 19.40
C ILE B 25 -1.70 -3.56 20.82
N ILE B 26 -0.87 -3.07 21.72
CA ILE B 26 -1.30 -2.80 23.09
C ILE B 26 -2.46 -1.78 23.11
N GLN B 27 -2.34 -0.73 22.31
CA GLN B 27 -3.38 0.28 22.25
C GLN B 27 -4.71 -0.26 21.78
N MET B 28 -4.70 -1.02 20.70
CA MET B 28 -5.92 -1.60 20.13
C MET B 28 -6.59 -2.55 21.12
N GLU B 29 -5.76 -3.36 21.78
CA GLU B 29 -6.20 -4.36 22.76
C GLU B 29 -6.90 -3.75 23.98
N ASN B 30 -6.31 -2.72 24.54
CA ASN B 30 -6.90 -2.06 25.71
C ASN B 30 -8.16 -1.29 25.34
N ASN B 31 -8.18 -0.72 24.14
CA ASN B 31 -9.31 0.08 23.71
C ASN B 31 -9.83 -0.36 22.35
N PRO B 32 -10.59 -1.47 22.32
CA PRO B 32 -11.06 -2.11 21.08
C PRO B 32 -12.33 -1.49 20.50
N ASP B 33 -12.20 -0.32 19.88
CA ASP B 33 -13.29 0.31 19.16
C ASP B 33 -13.04 0.24 17.65
N GLU B 34 -13.91 0.83 16.86
CA GLU B 34 -13.61 0.95 15.44
C GLU B 34 -12.80 2.21 15.23
N THR B 35 -13.09 3.24 16.01
CA THR B 35 -12.54 4.56 15.76
C THR B 35 -11.01 4.59 15.91
N VAL B 36 -10.53 4.32 17.12
CA VAL B 36 -9.10 4.35 17.38
C VAL B 36 -8.36 3.28 16.57
N CYS B 37 -8.91 2.06 16.54
CA CYS B 37 -8.31 0.97 15.81
C CYS B 37 -8.05 1.32 14.35
N ASN B 38 -9.12 1.71 13.66
CA ASN B 38 -9.01 2.21 12.30
C ASN B 38 -7.83 3.18 12.09
N ARG B 39 -7.71 4.16 12.98
CA ARG B 39 -6.68 5.19 12.86
C ARG B 39 -5.28 4.68 13.05
N ILE B 40 -5.15 3.70 13.94
CA ILE B 40 -3.88 3.05 14.18
C ILE B 40 -3.50 2.19 12.95
N TRP B 41 -4.49 1.57 12.33
CA TRP B 41 -4.18 0.76 11.14
C TRP B 41 -3.68 1.66 10.03
N LYS B 42 -4.42 2.72 9.74
CA LYS B 42 -4.02 3.58 8.63
C LYS B 42 -2.64 4.18 8.82
N ILE B 43 -2.35 4.60 10.06
CA ILE B 43 -1.05 5.18 10.37
C ILE B 43 0.09 4.20 10.09
N HIS B 44 -0.08 2.97 10.54
CA HIS B 44 0.92 1.97 10.25
C HIS B 44 0.91 1.56 8.79
N ARG B 45 -0.28 1.58 8.18
CA ARG B 45 -0.40 1.28 6.76
C ARG B 45 0.43 2.26 5.95
N ASP B 46 0.50 3.51 6.42
CA ASP B 46 1.09 4.60 5.65
C ASP B 46 2.48 5.01 6.11
N LEU B 47 3.04 4.26 7.07
CA LEU B 47 4.36 4.55 7.66
C LEU B 47 5.57 4.29 6.74
N GLN B 48 6.52 5.22 6.79
CA GLN B 48 7.58 5.42 5.79
C GLN B 48 8.51 4.25 5.42
N SER B 49 9.25 3.73 6.38
CA SER B 49 10.19 2.66 6.05
C SER B 49 10.10 1.66 7.17
N SER B 50 8.92 1.65 7.78
CA SER B 50 8.53 0.63 8.73
C SER B 50 8.27 -0.64 7.95
N ASP B 51 8.86 -1.74 8.42
CA ASP B 51 8.81 -3.04 7.77
C ASP B 51 7.41 -3.57 7.49
N LEU B 52 7.33 -4.33 6.40
CA LEU B 52 6.13 -5.01 5.93
C LEU B 52 5.56 -6.00 6.96
N THR B 53 6.47 -6.58 7.72
CA THR B 53 6.05 -7.55 8.70
C THR B 53 5.36 -6.84 9.86
N THR B 54 5.99 -5.78 10.38
CA THR B 54 5.34 -4.86 11.31
C THR B 54 3.93 -4.54 10.86
N THR B 55 3.81 -4.03 9.65
CA THR B 55 2.56 -3.56 9.09
C THR B 55 1.54 -4.68 9.12
N VAL B 56 1.97 -5.86 8.66
CA VAL B 56 1.10 -7.04 8.58
C VAL B 56 0.57 -7.46 9.95
N GLN B 57 1.40 -7.33 10.98
CA GLN B 57 1.00 -7.71 12.32
C GLN B 57 -0.08 -6.79 12.85
N VAL B 58 0.19 -5.49 12.76
CA VAL B 58 -0.81 -4.51 13.11
C VAL B 58 -2.10 -4.80 12.36
N MET B 59 -1.96 -5.15 11.09
CA MET B 59 -3.12 -5.44 10.25
C MET B 59 -3.99 -6.59 10.76
N MET B 60 -3.36 -7.71 11.11
CA MET B 60 -4.08 -8.88 11.59
C MET B 60 -4.89 -8.54 12.84
N VAL B 61 -4.21 -7.95 13.81
CA VAL B 61 -4.85 -7.60 15.07
C VAL B 61 -6.03 -6.66 14.81
N TYR B 62 -5.85 -5.71 13.91
CA TYR B 62 -6.94 -4.79 13.56
C TYR B 62 -8.14 -5.56 13.01
N ARG B 63 -7.85 -6.46 12.07
CA ARG B 63 -8.87 -7.34 11.50
C ARG B 63 -9.58 -8.14 12.58
N PHE B 64 -8.82 -8.62 13.55
CA PHE B 64 -9.42 -9.43 14.60
C PHE B 64 -10.21 -8.54 15.54
N ILE B 65 -9.62 -7.45 15.98
CA ILE B 65 -10.31 -6.66 16.97
C ILE B 65 -11.50 -5.89 16.38
N SER B 66 -11.39 -5.42 15.14
CA SER B 66 -12.44 -4.56 14.56
C SER B 66 -13.53 -5.31 13.82
N LYS B 67 -13.25 -6.56 13.44
CA LYS B 67 -14.15 -7.41 12.66
C LYS B 67 -14.41 -6.83 11.27
N ARG B 68 -13.55 -5.89 10.87
CA ARG B 68 -13.66 -5.20 9.60
C ARG B 68 -12.44 -5.54 8.76
N VAL B 69 -12.61 -5.60 7.45
CA VAL B 69 -11.47 -5.69 6.55
C VAL B 69 -10.66 -4.38 6.65
N PRO B 70 -9.34 -4.47 6.76
CA PRO B 70 -8.47 -3.28 6.79
C PRO B 70 -8.38 -2.58 5.43
N GLU B 71 -8.90 -1.36 5.34
CA GLU B 71 -8.85 -0.57 4.13
C GLU B 71 -7.43 -0.38 3.61
N GLY B 72 -7.24 -0.69 2.33
CA GLY B 72 -5.95 -0.56 1.67
C GLY B 72 -4.96 -1.68 1.96
N CYS B 73 -5.42 -2.78 2.56
CA CYS B 73 -4.51 -3.88 2.96
C CYS B 73 -3.76 -4.51 1.78
N PHE B 74 -4.40 -4.64 0.63
CA PHE B 74 -3.73 -5.19 -0.54
C PHE B 74 -2.67 -4.21 -1.06
N ALA B 75 -2.90 -2.94 -0.79
CA ALA B 75 -2.03 -1.88 -1.28
C ALA B 75 -0.61 -1.98 -0.70
N ILE B 76 -0.46 -2.63 0.44
CA ILE B 76 0.86 -2.66 1.10
C ILE B 76 1.79 -3.63 0.36
N LEU B 77 1.21 -4.40 -0.55
CA LEU B 77 1.98 -5.35 -1.34
C LEU B 77 2.31 -4.81 -2.74
N SER B 78 1.98 -3.53 -2.98
CA SER B 78 2.23 -2.92 -4.28
C SER B 78 3.74 -2.93 -4.55
N GLY B 79 4.13 -3.08 -5.81
CA GLY B 79 5.53 -3.11 -6.16
C GLY B 79 6.28 -4.36 -5.72
N VAL B 80 5.66 -5.14 -4.82
CA VAL B 80 6.28 -6.39 -4.40
C VAL B 80 5.95 -7.53 -5.37
N ASN B 81 7.00 -8.22 -5.81
CA ASN B 81 6.87 -9.35 -6.74
C ASN B 81 6.52 -10.64 -6.02
N THR B 82 5.26 -11.03 -6.18
CA THR B 82 4.68 -12.20 -5.51
C THR B 82 4.20 -13.22 -6.53
N GLY B 83 4.69 -13.10 -7.75
CA GLY B 83 4.27 -13.97 -8.83
C GLY B 83 4.49 -15.47 -8.65
N MET B 84 5.45 -15.88 -7.83
CA MET B 84 5.77 -17.29 -7.69
C MET B 84 4.87 -17.98 -6.69
N TYR B 85 3.96 -17.21 -6.12
CA TYR B 85 2.98 -17.74 -5.19
C TYR B 85 1.60 -17.64 -5.77
N ASN B 86 0.73 -18.52 -5.31
CA ASN B 86 -0.65 -18.48 -5.73
C ASN B 86 -1.51 -18.33 -4.48
N PRO B 87 -2.04 -17.12 -4.28
CA PRO B 87 -2.79 -16.80 -3.06
C PRO B 87 -4.00 -17.70 -2.83
N ARG B 88 -4.76 -18.03 -3.88
CA ARG B 88 -5.75 -19.13 -3.85
C ARG B 88 -5.34 -20.27 -2.99
N GLU B 89 -4.22 -20.79 -3.44
CA GLU B 89 -3.78 -22.09 -3.13
C GLU B 89 -3.05 -21.96 -1.83
N LEU B 90 -2.39 -20.82 -1.67
CA LEU B 90 -1.78 -20.48 -0.39
C LEU B 90 -2.83 -20.47 0.70
N LYS B 91 -3.98 -19.89 0.39
CA LYS B 91 -5.04 -19.77 1.39
C LYS B 91 -5.67 -21.11 1.65
N ARG B 92 -5.97 -21.89 0.61
CA ARG B 92 -6.56 -23.20 0.86
C ARG B 92 -5.62 -23.98 1.76
N SER B 93 -4.33 -24.03 1.40
CA SER B 93 -3.39 -24.80 2.21
C SER B 93 -3.46 -24.39 3.66
N TYR B 94 -3.49 -23.08 3.90
CA TYR B 94 -3.56 -22.56 5.26
C TYR B 94 -4.84 -23.06 5.90
N VAL B 95 -5.95 -23.03 5.15
CA VAL B 95 -7.24 -23.48 5.65
C VAL B 95 -7.23 -24.97 5.97
N GLN B 96 -6.55 -25.74 5.13
CA GLN B 96 -6.38 -27.16 5.37
C GLN B 96 -5.67 -27.38 6.70
N SER B 97 -4.52 -26.71 6.87
CA SER B 97 -3.71 -26.90 8.07
C SER B 97 -4.52 -26.67 9.36
N LEU B 98 -5.53 -25.79 9.28
CA LEU B 98 -6.39 -25.52 10.43
C LEU B 98 -7.21 -26.76 10.85
N SER B 99 -7.54 -27.63 9.91
CA SER B 99 -8.35 -28.79 10.27
C SER B 99 -7.49 -30.01 10.61
N SER B 100 -6.19 -29.93 10.33
CA SER B 100 -5.27 -31.00 10.70
C SER B 100 -4.41 -30.62 11.89
N GLY B 101 -4.60 -29.42 12.42
CA GLY B 101 -3.82 -28.93 13.54
C GLY B 101 -2.35 -28.69 13.25
N THR B 102 -2.06 -28.31 12.01
CA THR B 102 -0.71 -28.16 11.52
C THR B 102 -0.37 -26.74 11.09
N SER B 103 -1.15 -25.79 11.56
CA SER B 103 -1.03 -24.40 11.14
C SER B 103 0.31 -23.77 11.50
N CYS B 104 0.85 -24.10 12.67
CA CYS B 104 2.09 -23.50 13.11
C CYS B 104 3.27 -23.97 12.28
N GLU B 105 3.31 -25.27 11.99
CA GLU B 105 4.29 -25.82 11.07
C GLU B 105 4.20 -25.12 9.72
N PHE B 106 3.00 -25.15 9.14
CA PHE B 106 2.72 -24.54 7.85
C PHE B 106 3.18 -23.06 7.79
N LEU B 107 2.78 -22.26 8.78
CA LEU B 107 3.11 -20.84 8.80
C LEU B 107 4.61 -20.56 9.01
N ARG B 108 5.26 -21.35 9.88
CA ARG B 108 6.69 -21.20 10.12
C ARG B 108 7.47 -21.79 8.95
N SER B 109 6.84 -22.71 8.24
CA SER B 109 7.47 -23.25 7.07
C SER B 109 7.39 -22.29 5.87
N LEU B 110 6.64 -21.20 5.96
CA LEU B 110 6.49 -20.31 4.79
C LEU B 110 7.62 -19.31 4.61
N ASP B 111 7.93 -18.99 3.35
CA ASP B 111 8.74 -17.80 3.04
C ASP B 111 8.21 -16.58 3.79
N LYS B 112 9.12 -15.66 4.13
CA LYS B 112 8.73 -14.45 4.82
C LYS B 112 7.67 -13.72 4.00
N LEU B 113 7.89 -13.71 2.68
CA LEU B 113 7.01 -13.05 1.73
C LEU B 113 5.65 -13.73 1.61
N ALA B 114 5.68 -15.06 1.51
CA ALA B 114 4.49 -15.86 1.37
C ALA B 114 3.55 -15.66 2.56
N LYS B 115 4.14 -15.65 3.75
CA LYS B 115 3.36 -15.49 4.97
C LYS B 115 2.69 -14.11 5.05
N ASN B 116 3.38 -13.06 4.64
CA ASN B 116 2.76 -11.74 4.56
C ASN B 116 1.65 -11.72 3.52
N LEU B 117 1.92 -12.35 2.38
CA LEU B 117 0.97 -12.40 1.25
C LEU B 117 -0.31 -13.10 1.71
N LEU B 118 -0.14 -14.21 2.38
CA LEU B 118 -1.25 -14.98 2.89
C LEU B 118 -2.06 -14.14 3.90
N ALA B 119 -1.35 -13.48 4.81
CA ALA B 119 -1.97 -12.61 5.81
C ALA B 119 -2.96 -11.63 5.19
N VAL B 120 -2.46 -10.85 4.23
CA VAL B 120 -3.32 -9.90 3.53
C VAL B 120 -4.60 -10.57 3.00
N HIS B 121 -4.45 -11.69 2.31
CA HIS B 121 -5.60 -12.34 1.68
C HIS B 121 -6.58 -12.88 2.71
N VAL B 122 -6.06 -13.41 3.81
CA VAL B 122 -6.95 -13.86 4.86
C VAL B 122 -7.73 -12.69 5.48
N CYS B 123 -7.01 -11.59 5.72
CA CYS B 123 -7.61 -10.45 6.38
C CYS B 123 -8.61 -9.75 5.48
N SER B 124 -8.33 -9.77 4.18
CA SER B 124 -9.23 -9.18 3.20
C SER B 124 -10.43 -10.09 2.95
N ASP B 125 -10.31 -11.36 3.31
CA ASP B 125 -11.42 -12.26 3.14
C ASP B 125 -12.45 -12.07 4.23
N VAL B 126 -13.62 -11.61 3.83
CA VAL B 126 -14.73 -11.46 4.76
C VAL B 126 -15.45 -12.81 4.87
N LYS B 127 -14.95 -13.80 4.13
CA LYS B 127 -15.54 -15.13 4.15
C LYS B 127 -15.03 -16.01 5.30
N MET B 128 -14.25 -15.44 6.22
CA MET B 128 -13.64 -16.26 7.27
C MET B 128 -13.11 -15.46 8.46
N SER B 129 -13.91 -15.35 9.52
CA SER B 129 -13.45 -14.62 10.69
C SER B 129 -12.31 -15.39 11.36
N LEU B 130 -11.58 -14.69 12.20
CA LEU B 130 -10.33 -15.17 12.76
C LEU B 130 -10.41 -15.14 14.25
N ASN B 131 -10.16 -16.25 14.91
CA ASN B 131 -10.14 -16.14 16.35
C ASN B 131 -8.73 -15.85 16.82
N LYS B 132 -8.62 -15.81 18.12
CA LYS B 132 -7.41 -15.38 18.77
C LYS B 132 -6.22 -16.27 18.53
N ARG B 133 -6.44 -17.56 18.54
CA ARG B 133 -5.37 -18.50 18.32
C ARG B 133 -4.74 -18.35 16.95
N GLN B 134 -5.57 -18.23 15.92
CA GLN B 134 -5.07 -18.04 14.55
C GLN B 134 -4.17 -16.83 14.49
N VAL B 135 -4.67 -15.71 15.01
CA VAL B 135 -3.94 -14.46 14.93
C VAL B 135 -2.59 -14.58 15.60
N ILE B 136 -2.58 -15.18 16.79
CA ILE B 136 -1.33 -15.39 17.50
C ILE B 136 -0.32 -16.15 16.66
N ASP B 137 -0.75 -17.28 16.10
CA ASP B 137 0.18 -18.12 15.37
C ASP B 137 0.71 -17.33 14.18
N PHE B 138 -0.17 -16.58 13.51
CA PHE B 138 0.27 -15.73 12.40
C PHE B 138 1.29 -14.69 12.85
N ILE B 139 1.10 -14.16 14.05
CA ILE B 139 1.85 -12.97 14.47
C ILE B 139 3.16 -13.33 15.22
N SER B 140 3.32 -14.60 15.55
CA SER B 140 4.58 -15.09 16.08
C SER B 140 5.52 -15.49 14.95
#